data_8E2M
#
_entry.id   8E2M
#
_cell.length_a   38.155
_cell.length_b   72.394
_cell.length_c   103.946
_cell.angle_alpha   90.000
_cell.angle_beta   90.000
_cell.angle_gamma   90.000
#
_symmetry.space_group_name_H-M   'P 2 21 21'
#
loop_
_entity.id
_entity.type
_entity.pdbx_description
1 polymer 'Tyrosine-protein kinase BTK'
2 non-polymer (5P)-5-[4-methyl-6-(2-methylpropyl)pyridin-3-yl]-4-oxo-N-[(1R,2S)-2-propanamidocyclopentyl]-4,5-dihydro-3H-1-thia-3,5,8-triazaacenaphthylene-2-carboxamide
3 non-polymer 'TRIETHYLENE GLYCOL'
4 water water
#
_entity_poly.entity_id   1
_entity_poly.type   'polypeptide(L)'
_entity_poly.pdbx_seq_one_letter_code
;GLGYGSWEIDPKDLTFLKELGTGQFGVVKYGKWRGQYDVAIKMIKEGSMSEDEFIEEAKVMMNLSHEKLVQLYGVCTKQR
PIFIITEYMANGCLLNYLREMRHRFQTQQLLEMCKDVCEAMEYLESKQFLHRDLAARNCLVNDQGVVKVSDFGLSRYVLD
DEYTSSVGSKFPVRWSPPEVLMYSKFSSKSDIWAFGVLMWEIYSLGKMPYERFTNSETAEHIAQGLRLYRPHLASEKVYT
IMYSCWHEKADERPTFKILLSNILDVMDEES
;
_entity_poly.pdbx_strand_id   A
#
loop_
_chem_comp.id
_chem_comp.type
_chem_comp.name
_chem_comp.formula
PGE non-polymer 'TRIETHYLENE GLYCOL' 'C6 H14 O4'
UB6 non-polymer (5P)-5-[4-methyl-6-(2-methylpropyl)pyridin-3-yl]-4-oxo-N-[(1R,2S)-2-propanamidocyclopentyl]-4,5-dihydro-3H-1-thia-3,5,8-triazaacenaphthylene-2-carboxamide 'C27 H32 N6 O3 S'
#
# COMPACT_ATOMS: atom_id res chain seq x y z
N GLY A 1 6.81 -19.19 -23.57
CA GLY A 1 6.90 -20.35 -24.44
C GLY A 1 5.74 -21.32 -24.24
N LEU A 2 5.83 -22.47 -24.89
CA LEU A 2 4.80 -23.48 -24.76
C LEU A 2 4.55 -23.81 -23.28
N GLY A 3 3.28 -23.83 -22.88
CA GLY A 3 2.92 -24.17 -21.53
C GLY A 3 2.74 -23.00 -20.57
N TYR A 4 3.12 -21.78 -20.96
CA TYR A 4 3.01 -20.61 -20.09
C TYR A 4 2.14 -19.56 -20.75
N GLY A 5 1.04 -19.19 -20.10
CA GLY A 5 0.23 -18.08 -20.54
C GLY A 5 0.94 -16.75 -20.33
N SER A 6 0.33 -15.67 -20.85
CA SER A 6 0.98 -14.37 -20.79
C SER A 6 1.17 -13.86 -19.37
N TRP A 7 0.38 -14.37 -18.42
CA TRP A 7 0.48 -13.97 -17.03
C TRP A 7 1.41 -14.88 -16.23
N GLU A 8 2.03 -15.86 -16.88
CA GLU A 8 2.76 -16.93 -16.21
C GLU A 8 4.26 -16.83 -16.51
N ILE A 9 5.06 -16.82 -15.46
CA ILE A 9 6.51 -16.81 -15.59
C ILE A 9 7.04 -18.21 -15.39
N ASP A 10 8.02 -18.59 -16.20
CA ASP A 10 8.69 -19.87 -16.02
C ASP A 10 9.66 -19.76 -14.86
N PRO A 11 9.44 -20.46 -13.73
CA PRO A 11 10.36 -20.30 -12.60
C PRO A 11 11.79 -20.66 -12.95
N LYS A 12 12.00 -21.49 -13.97
CA LYS A 12 13.37 -21.85 -14.36
C LYS A 12 14.13 -20.63 -14.89
N ASP A 13 13.41 -19.55 -15.22
CA ASP A 13 14.06 -18.33 -15.66
C ASP A 13 14.55 -17.47 -14.49
N LEU A 14 14.37 -17.91 -13.24
CA LEU A 14 14.73 -17.10 -12.08
C LEU A 14 16.07 -17.52 -11.49
N THR A 15 16.87 -16.54 -11.08
CA THR A 15 18.10 -16.76 -10.32
C THR A 15 17.90 -16.08 -8.97
N PHE A 16 17.93 -16.85 -7.89
CA PHE A 16 17.71 -16.31 -6.57
C PHE A 16 19.05 -15.84 -6.00
N LEU A 17 19.10 -14.59 -5.52
CA LEU A 17 20.34 -13.99 -5.09
C LEU A 17 20.36 -13.60 -3.61
N LYS A 18 19.26 -13.14 -3.03
CA LYS A 18 19.29 -12.70 -1.64
C LYS A 18 17.90 -12.85 -1.01
N GLU A 19 17.87 -13.33 0.23
CA GLU A 19 16.62 -13.38 0.99
C GLU A 19 16.37 -12.03 1.64
N LEU A 20 15.21 -11.44 1.35
CA LEU A 20 14.89 -10.12 1.91
C LEU A 20 14.21 -10.20 3.27
N GLY A 21 13.57 -11.31 3.60
CA GLY A 21 12.88 -11.45 4.85
C GLY A 21 11.58 -12.17 4.64
N THR A 22 10.78 -12.24 5.71
CA THR A 22 9.51 -12.94 5.71
C THR A 22 8.39 -11.97 6.02
N GLY A 23 7.39 -11.92 5.14
CA GLY A 23 6.18 -11.17 5.36
C GLY A 23 5.02 -12.07 5.72
N GLN A 24 3.80 -11.57 5.50
CA GLN A 24 2.62 -12.31 5.92
C GLN A 24 2.31 -13.45 4.94
N PHE A 25 2.47 -13.20 3.64
CA PHE A 25 2.36 -14.25 2.64
C PHE A 25 3.58 -15.18 2.63
N GLY A 26 4.64 -14.86 3.35
CA GLY A 26 5.82 -15.68 3.32
C GLY A 26 7.09 -14.96 2.92
N VAL A 27 8.03 -15.72 2.39
CA VAL A 27 9.37 -15.22 2.14
C VAL A 27 9.41 -14.37 0.88
N VAL A 28 10.24 -13.34 0.90
CA VAL A 28 10.47 -12.49 -0.26
C VAL A 28 11.96 -12.54 -0.60
N LYS A 29 12.27 -12.74 -1.87
CA LYS A 29 13.66 -12.82 -2.31
C LYS A 29 13.90 -11.80 -3.41
N TYR A 30 15.18 -11.44 -3.55
CA TYR A 30 15.68 -10.67 -4.67
C TYR A 30 16.39 -11.61 -5.64
N GLY A 31 16.17 -11.40 -6.94
CA GLY A 31 16.80 -12.26 -7.92
C GLY A 31 16.83 -11.62 -9.28
N LYS A 32 17.18 -12.43 -10.29
CA LYS A 32 17.22 -12.01 -11.68
C LYS A 32 16.26 -12.85 -12.50
N TRP A 33 15.70 -12.25 -13.53
CA TRP A 33 14.90 -12.96 -14.53
C TRP A 33 15.73 -13.03 -15.81
N ARG A 34 15.87 -14.25 -16.36
CA ARG A 34 16.69 -14.51 -17.54
C ARG A 34 18.04 -13.80 -17.44
N GLY A 35 18.64 -13.86 -16.26
CA GLY A 35 20.01 -13.46 -16.05
C GLY A 35 20.27 -11.97 -15.98
N GLN A 36 19.35 -11.14 -16.48
CA GLN A 36 19.63 -9.72 -16.69
C GLN A 36 18.78 -8.78 -15.87
N TYR A 37 17.54 -9.13 -15.53
CA TYR A 37 16.57 -8.17 -15.03
C TYR A 37 16.29 -8.39 -13.54
N ASP A 38 16.48 -7.33 -12.74
CA ASP A 38 16.18 -7.42 -11.31
C ASP A 38 14.71 -7.72 -11.09
N VAL A 39 14.43 -8.64 -10.17
CA VAL A 39 13.04 -8.90 -9.79
C VAL A 39 12.96 -9.15 -8.30
N ALA A 40 11.79 -8.90 -7.74
CA ALA A 40 11.43 -9.39 -6.43
C ALA A 40 10.54 -10.62 -6.60
N ILE A 41 10.69 -11.59 -5.70
CA ILE A 41 9.94 -12.85 -5.74
C ILE A 41 9.29 -13.09 -4.39
N LYS A 42 7.96 -13.08 -4.34
CA LYS A 42 7.22 -13.39 -3.11
C LYS A 42 6.74 -14.83 -3.19
N MET A 43 7.18 -15.67 -2.27
N MET A 43 7.28 -15.68 -2.31
CA MET A 43 6.78 -17.07 -2.22
CA MET A 43 6.78 -17.03 -2.14
C MET A 43 5.60 -17.21 -1.26
C MET A 43 5.52 -16.97 -1.27
N ILE A 44 4.41 -17.46 -1.82
CA ILE A 44 3.16 -17.51 -1.09
C ILE A 44 3.13 -18.79 -0.25
N LYS A 45 3.20 -18.66 1.07
CA LYS A 45 3.17 -19.84 1.92
C LYS A 45 1.85 -20.56 1.76
N GLU A 46 1.93 -21.89 1.75
CA GLU A 46 0.76 -22.70 1.45
C GLU A 46 -0.28 -22.56 2.56
N GLY A 47 -1.54 -22.61 2.17
CA GLY A 47 -2.62 -22.43 3.11
C GLY A 47 -2.95 -21.00 3.45
N SER A 48 -2.17 -20.02 2.94
CA SER A 48 -2.37 -18.63 3.31
C SER A 48 -3.30 -17.87 2.36
N MET A 49 -3.34 -18.24 1.07
CA MET A 49 -4.02 -17.44 0.07
C MET A 49 -5.08 -18.27 -0.68
N SER A 50 -6.13 -17.58 -1.13
CA SER A 50 -7.13 -18.18 -2.03
C SER A 50 -6.53 -18.20 -3.44
N GLU A 51 -5.87 -19.30 -3.81
CA GLU A 51 -4.91 -19.22 -4.92
C GLU A 51 -5.59 -19.15 -6.29
N ASP A 52 -6.62 -19.96 -6.51
CA ASP A 52 -7.33 -19.90 -7.79
C ASP A 52 -7.94 -18.52 -8.03
N GLU A 53 -8.59 -17.93 -7.02
CA GLU A 53 -9.10 -16.58 -7.18
C GLU A 53 -7.97 -15.58 -7.42
N PHE A 54 -6.86 -15.71 -6.68
CA PHE A 54 -5.78 -14.75 -6.90
C PHE A 54 -5.26 -14.83 -8.32
N ILE A 55 -5.10 -16.05 -8.84
CA ILE A 55 -4.51 -16.24 -10.17
C ILE A 55 -5.40 -15.62 -11.23
N GLU A 56 -6.71 -15.79 -11.10
CA GLU A 56 -7.61 -15.14 -12.04
C GLU A 56 -7.48 -13.62 -11.97
N GLU A 57 -7.35 -13.08 -10.75
CA GLU A 57 -7.17 -11.64 -10.62
C GLU A 57 -5.79 -11.20 -11.11
N ALA A 58 -4.77 -12.05 -10.97
CA ALA A 58 -3.46 -11.68 -11.50
C ALA A 58 -3.53 -11.37 -12.99
N LYS A 59 -4.44 -12.03 -13.73
CA LYS A 59 -4.58 -11.77 -15.16
C LYS A 59 -5.03 -10.34 -15.42
N VAL A 60 -5.90 -9.81 -14.55
CA VAL A 60 -6.33 -8.42 -14.68
C VAL A 60 -5.22 -7.48 -14.24
N MET A 61 -4.54 -7.81 -13.14
CA MET A 61 -3.48 -6.95 -12.64
C MET A 61 -2.32 -6.80 -13.62
N MET A 62 -2.11 -7.78 -14.53
N MET A 62 -2.11 -7.76 -14.53
CA MET A 62 -1.05 -7.65 -15.51
CA MET A 62 -1.02 -7.63 -15.49
C MET A 62 -1.22 -6.40 -16.37
C MET A 62 -1.29 -6.56 -16.54
N ASN A 63 -2.44 -5.92 -16.51
CA ASN A 63 -2.75 -4.76 -17.34
C ASN A 63 -2.61 -3.44 -16.58
N LEU A 64 -2.35 -3.50 -15.29
CA LEU A 64 -2.13 -2.28 -14.50
C LEU A 64 -0.67 -1.88 -14.64
N SER A 65 -0.42 -0.67 -15.13
CA SER A 65 0.97 -0.25 -15.35
C SER A 65 1.07 1.26 -15.16
N HIS A 66 1.89 1.67 -14.21
CA HIS A 66 2.07 3.07 -13.93
C HIS A 66 3.43 3.26 -13.28
N GLU A 67 4.07 4.39 -13.60
CA GLU A 67 5.41 4.66 -13.10
C GLU A 67 5.52 4.55 -11.57
N LYS A 68 4.43 4.80 -10.84
CA LYS A 68 4.46 4.83 -9.39
C LYS A 68 3.76 3.62 -8.76
N LEU A 69 3.51 2.60 -9.56
CA LEU A 69 2.88 1.36 -9.14
C LEU A 69 3.85 0.21 -9.37
N VAL A 70 4.11 -0.59 -8.33
CA VAL A 70 5.01 -1.72 -8.53
C VAL A 70 4.47 -2.63 -9.63
N GLN A 71 5.30 -2.91 -10.62
CA GLN A 71 4.85 -3.62 -11.82
C GLN A 71 4.81 -5.11 -11.56
N LEU A 72 3.66 -5.73 -11.80
CA LEU A 72 3.57 -7.18 -11.76
C LEU A 72 4.13 -7.72 -13.06
N TYR A 73 5.10 -8.62 -12.96
CA TYR A 73 5.64 -9.29 -14.14
C TYR A 73 4.94 -10.60 -14.43
N GLY A 74 4.43 -11.27 -13.41
CA GLY A 74 3.72 -12.52 -13.60
C GLY A 74 3.74 -13.37 -12.35
N VAL A 75 3.18 -14.56 -12.48
N VAL A 75 3.20 -14.58 -12.49
CA VAL A 75 3.08 -15.51 -11.39
CA VAL A 75 3.07 -15.51 -11.38
C VAL A 75 3.65 -16.85 -11.84
C VAL A 75 3.53 -16.89 -11.82
N CYS A 76 4.11 -17.64 -10.89
CA CYS A 76 4.54 -19.02 -11.14
C CYS A 76 3.57 -19.93 -10.40
N THR A 77 2.73 -20.64 -11.15
CA THR A 77 1.59 -21.33 -10.58
C THR A 77 1.61 -22.84 -10.74
N LYS A 78 2.60 -23.40 -11.43
CA LYS A 78 2.52 -24.85 -11.63
C LYS A 78 2.89 -25.63 -10.37
N GLN A 79 3.17 -24.93 -9.26
CA GLN A 79 3.99 -25.47 -8.19
C GLN A 79 3.49 -24.96 -6.84
N ARG A 80 3.99 -25.58 -5.79
CA ARG A 80 3.76 -25.09 -4.44
C ARG A 80 5.11 -24.86 -3.80
N PRO A 81 5.35 -23.65 -3.28
CA PRO A 81 4.45 -22.50 -3.26
C PRO A 81 4.46 -21.69 -4.55
N ILE A 82 3.36 -20.99 -4.85
CA ILE A 82 3.36 -20.15 -6.03
C ILE A 82 4.20 -18.90 -5.76
N PHE A 83 4.71 -18.30 -6.83
CA PHE A 83 5.54 -17.11 -6.79
C PHE A 83 4.80 -15.94 -7.43
N ILE A 84 4.95 -14.75 -6.87
CA ILE A 84 4.56 -13.50 -7.50
C ILE A 84 5.85 -12.79 -7.86
N ILE A 85 6.02 -12.44 -9.14
CA ILE A 85 7.24 -11.83 -9.66
C ILE A 85 6.94 -10.37 -9.98
N THR A 86 7.76 -9.44 -9.46
CA THR A 86 7.56 -8.03 -9.72
C THR A 86 8.89 -7.30 -9.96
N GLU A 87 8.78 -6.06 -10.43
CA GLU A 87 9.92 -5.16 -10.39
C GLU A 87 10.48 -5.08 -8.96
N TYR A 88 11.77 -4.83 -8.86
CA TYR A 88 12.50 -4.89 -7.59
C TYR A 88 12.64 -3.49 -6.99
N MET A 89 12.38 -3.37 -5.69
CA MET A 89 12.44 -2.07 -5.01
C MET A 89 13.55 -2.13 -3.95
N ALA A 90 14.72 -1.60 -4.31
CA ALA A 90 15.94 -1.93 -3.58
C ALA A 90 15.97 -1.39 -2.16
N ASN A 91 15.23 -0.33 -1.85
CA ASN A 91 15.29 0.26 -0.52
C ASN A 91 14.18 -0.22 0.40
N GLY A 92 13.41 -1.22 -0.01
CA GLY A 92 12.51 -1.90 0.91
C GLY A 92 11.24 -1.11 1.16
N CYS A 93 10.56 -1.44 2.25
CA CYS A 93 9.26 -0.84 2.50
C CYS A 93 9.38 0.57 3.05
N LEU A 94 8.45 1.42 2.65
CA LEU A 94 8.47 2.82 3.07
C LEU A 94 8.51 2.96 4.59
N LEU A 95 7.76 2.12 5.29
CA LEU A 95 7.66 2.25 6.74
C LEU A 95 9.05 2.21 7.40
N ASN A 96 9.84 1.17 7.12
CA ASN A 96 11.15 1.07 7.74
C ASN A 96 12.08 2.16 7.24
N TYR A 97 11.90 2.56 5.99
CA TYR A 97 12.71 3.63 5.42
C TYR A 97 12.47 4.95 6.15
N LEU A 98 11.22 5.26 6.43
CA LEU A 98 10.89 6.47 7.17
C LEU A 98 11.48 6.46 8.57
N ARG A 99 11.57 5.29 9.19
CA ARG A 99 12.07 5.19 10.56
C ARG A 99 13.58 5.29 10.68
N GLU A 100 14.33 5.21 9.58
CA GLU A 100 15.79 5.36 9.64
C GLU A 100 16.09 6.85 9.72
N MET A 101 16.44 7.33 10.92
CA MET A 101 16.63 8.76 11.10
C MET A 101 17.85 9.30 10.33
N ARG A 102 18.80 8.43 9.96
CA ARG A 102 19.99 8.91 9.28
C ARG A 102 19.64 9.65 7.99
N HIS A 103 18.48 9.37 7.39
CA HIS A 103 18.14 10.00 6.12
C HIS A 103 17.97 11.50 6.25
N ARG A 104 17.62 11.99 7.42
CA ARG A 104 17.52 13.43 7.67
C ARG A 104 16.70 14.13 6.58
N PHE A 105 15.49 13.61 6.37
CA PHE A 105 14.65 14.06 5.27
C PHE A 105 14.32 15.55 5.39
N GLN A 106 14.31 16.23 4.24
CA GLN A 106 13.66 17.53 4.13
C GLN A 106 12.17 17.32 3.93
N THR A 107 11.37 18.31 4.36
CA THR A 107 9.93 18.16 4.14
C THR A 107 9.58 18.12 2.66
N GLN A 108 10.40 18.73 1.81
CA GLN A 108 10.20 18.62 0.36
C GLN A 108 10.26 17.17 -0.09
N GLN A 109 11.16 16.38 0.52
CA GLN A 109 11.23 14.96 0.18
C GLN A 109 10.00 14.20 0.69
N LEU A 110 9.53 14.54 1.88
CA LEU A 110 8.34 13.88 2.41
C LEU A 110 7.14 14.14 1.51
N LEU A 111 6.96 15.37 1.04
CA LEU A 111 5.83 15.68 0.17
C LEU A 111 5.94 14.94 -1.16
N GLU A 112 7.16 14.79 -1.66
CA GLU A 112 7.36 14.03 -2.90
C GLU A 112 6.94 12.57 -2.74
N MET A 113 7.19 11.98 -1.57
CA MET A 113 6.70 10.62 -1.30
C MET A 113 5.17 10.57 -1.33
N CYS A 114 4.51 11.57 -0.73
CA CYS A 114 3.05 11.63 -0.80
C CYS A 114 2.57 11.73 -2.24
N LYS A 115 3.24 12.56 -3.05
CA LYS A 115 2.83 12.75 -4.43
C LYS A 115 3.03 11.48 -5.23
N ASP A 116 4.17 10.80 -5.02
CA ASP A 116 4.41 9.48 -5.62
C ASP A 116 3.22 8.57 -5.40
N VAL A 117 2.82 8.38 -4.13
CA VAL A 117 1.72 7.47 -3.83
C VAL A 117 0.42 8.00 -4.43
N CYS A 118 0.20 9.31 -4.37
CA CYS A 118 -1.06 9.86 -4.86
C CYS A 118 -1.23 9.66 -6.37
N GLU A 119 -0.15 9.78 -7.13
CA GLU A 119 -0.25 9.52 -8.57
C GLU A 119 -0.63 8.07 -8.84
N ALA A 120 -0.03 7.14 -8.10
CA ALA A 120 -0.39 5.73 -8.29
C ALA A 120 -1.85 5.49 -7.93
N MET A 121 -2.32 6.10 -6.84
CA MET A 121 -3.70 5.90 -6.43
C MET A 121 -4.68 6.57 -7.38
N GLU A 122 -4.31 7.71 -7.97
CA GLU A 122 -5.20 8.29 -8.97
C GLU A 122 -5.28 7.38 -10.18
N TYR A 123 -4.19 6.71 -10.52
CA TYR A 123 -4.21 5.76 -11.64
C TYR A 123 -5.11 4.58 -11.32
N LEU A 124 -4.96 4.00 -10.12
CA LEU A 124 -5.82 2.89 -9.73
C LEU A 124 -7.27 3.31 -9.68
N GLU A 125 -7.53 4.53 -9.20
CA GLU A 125 -8.90 5.02 -9.18
C GLU A 125 -9.45 5.18 -10.59
N SER A 126 -8.62 5.63 -11.53
CA SER A 126 -9.07 5.76 -12.91
C SER A 126 -9.39 4.41 -13.53
N LYS A 127 -8.89 3.32 -12.96
CA LYS A 127 -9.23 1.97 -13.41
C LYS A 127 -10.27 1.32 -12.52
N GLN A 128 -10.88 2.06 -11.60
CA GLN A 128 -11.87 1.51 -10.65
C GLN A 128 -11.32 0.31 -9.87
N PHE A 129 -10.06 0.40 -9.45
CA PHE A 129 -9.38 -0.66 -8.71
C PHE A 129 -9.10 -0.14 -7.30
N LEU A 130 -9.72 -0.74 -6.29
CA LEU A 130 -9.43 -0.33 -4.92
C LEU A 130 -8.17 -1.02 -4.46
N HIS A 131 -7.36 -0.31 -3.68
CA HIS A 131 -6.22 -0.96 -3.03
C HIS A 131 -6.70 -1.87 -1.90
N ARG A 132 -7.54 -1.33 -1.01
CA ARG A 132 -8.21 -1.96 0.12
C ARG A 132 -7.30 -2.13 1.35
N ASP A 133 -5.99 -1.87 1.25
CA ASP A 133 -5.15 -1.89 2.44
C ASP A 133 -3.92 -1.00 2.30
N LEU A 134 -4.11 0.26 1.87
CA LEU A 134 -3.02 1.19 1.67
C LEU A 134 -2.40 1.60 3.02
N ALA A 135 -1.07 1.49 3.12
CA ALA A 135 -0.37 1.88 4.34
C ALA A 135 1.10 1.97 4.02
N ALA A 136 1.85 2.68 4.88
CA ALA A 136 3.29 2.81 4.60
C ALA A 136 3.97 1.45 4.55
N ARG A 137 3.47 0.48 5.33
CA ARG A 137 4.08 -0.84 5.31
C ARG A 137 3.99 -1.51 3.94
N ASN A 138 3.05 -1.06 3.09
CA ASN A 138 2.81 -1.60 1.76
C ASN A 138 3.48 -0.81 0.64
N CYS A 139 3.84 0.44 0.89
CA CYS A 139 4.58 1.20 -0.12
C CYS A 139 6.05 0.80 -0.05
N LEU A 140 6.72 0.86 -1.20
CA LEU A 140 8.11 0.44 -1.34
C LEU A 140 8.91 1.58 -1.93
N VAL A 141 10.23 1.50 -1.77
CA VAL A 141 11.17 2.55 -2.20
C VAL A 141 12.24 1.92 -3.09
N ASN A 142 12.45 2.51 -4.27
CA ASN A 142 13.44 1.97 -5.21
C ASN A 142 14.80 2.62 -4.95
N ASP A 143 15.80 2.20 -5.73
CA ASP A 143 17.18 2.64 -5.49
C ASP A 143 17.35 4.15 -5.70
N GLN A 144 16.39 4.80 -6.36
CA GLN A 144 16.42 6.24 -6.56
C GLN A 144 15.58 7.00 -5.53
N GLY A 145 15.01 6.29 -4.55
CA GLY A 145 14.21 6.94 -3.55
C GLY A 145 12.79 7.21 -3.97
N VAL A 146 12.36 6.72 -5.13
CA VAL A 146 10.99 6.88 -5.60
C VAL A 146 10.10 5.87 -4.88
N VAL A 147 8.94 6.33 -4.38
CA VAL A 147 7.99 5.50 -3.66
C VAL A 147 6.98 4.94 -4.64
N LYS A 148 6.66 3.64 -4.52
CA LYS A 148 5.64 3.04 -5.36
C LYS A 148 4.67 2.21 -4.52
N VAL A 149 3.46 2.07 -5.01
CA VAL A 149 2.41 1.35 -4.29
C VAL A 149 2.53 -0.13 -4.61
N SER A 150 2.40 -0.99 -3.60
CA SER A 150 2.48 -2.43 -3.84
C SER A 150 1.38 -3.15 -3.06
N ASP A 151 1.31 -4.46 -3.27
CA ASP A 151 0.33 -5.31 -2.61
C ASP A 151 -1.11 -4.92 -2.93
N PHE A 152 -1.36 -4.23 -4.03
CA PHE A 152 -2.68 -3.64 -4.23
C PHE A 152 -3.73 -4.72 -4.48
N GLY A 153 -4.80 -4.68 -3.68
CA GLY A 153 -5.91 -5.60 -3.80
C GLY A 153 -5.71 -6.97 -3.18
N LEU A 154 -4.51 -7.25 -2.67
CA LEU A 154 -4.18 -8.60 -2.27
C LEU A 154 -4.92 -9.06 -1.01
N SER A 155 -5.42 -8.12 -0.20
CA SER A 155 -6.14 -8.55 1.00
C SER A 155 -7.38 -9.38 0.67
N ARG A 156 -7.88 -9.31 -0.56
CA ARG A 156 -9.08 -10.06 -0.91
C ARG A 156 -8.84 -11.57 -0.91
N TYR A 157 -7.58 -12.02 -0.92
CA TYR A 157 -7.26 -13.43 -1.10
C TYR A 157 -6.62 -14.04 0.14
N VAL A 158 -6.57 -13.29 1.24
CA VAL A 158 -5.99 -13.75 2.50
C VAL A 158 -6.99 -14.65 3.21
N LEU A 159 -6.56 -15.86 3.57
CA LEU A 159 -7.45 -16.84 4.18
C LEU A 159 -7.50 -16.73 5.70
N ASP A 160 -6.51 -16.10 6.33
CA ASP A 160 -6.49 -15.94 7.79
C ASP A 160 -7.58 -14.95 8.20
N ASP A 161 -8.59 -15.43 8.93
CA ASP A 161 -9.71 -14.57 9.28
C ASP A 161 -9.31 -13.44 10.23
N GLU A 162 -8.22 -13.59 11.00
CA GLU A 162 -7.78 -12.49 11.86
C GLU A 162 -7.49 -11.22 11.06
N TYR A 163 -7.19 -11.35 9.77
CA TYR A 163 -6.85 -10.23 8.90
C TYR A 163 -8.04 -9.65 8.14
N THR A 164 -9.14 -10.37 8.02
CA THR A 164 -10.09 -10.02 6.96
C THR A 164 -11.37 -9.34 7.45
N SER A 165 -11.59 -9.23 8.75
CA SER A 165 -12.73 -8.46 9.24
C SER A 165 -12.31 -7.68 10.47
N SER A 166 -13.02 -6.56 10.70
CA SER A 166 -12.71 -5.68 11.84
C SER A 166 -12.66 -6.43 13.15
N VAL A 167 -13.44 -7.52 13.29
CA VAL A 167 -13.37 -8.33 14.48
C VAL A 167 -12.01 -9.01 14.63
N GLY A 168 -11.25 -9.09 13.54
CA GLY A 168 -9.99 -9.82 13.58
C GLY A 168 -8.90 -9.06 14.29
N SER A 169 -8.01 -9.81 14.94
CA SER A 169 -6.93 -9.23 15.71
C SER A 169 -5.86 -8.58 14.84
N LYS A 170 -5.92 -8.77 13.52
CA LYS A 170 -4.88 -8.29 12.61
C LYS A 170 -5.45 -7.37 11.54
N PHE A 171 -6.68 -6.91 11.70
CA PHE A 171 -7.28 -6.02 10.74
C PHE A 171 -6.66 -4.63 10.86
N PRO A 172 -6.54 -3.86 9.73
CA PRO A 172 -5.90 -2.50 9.77
C PRO A 172 -6.86 -1.43 10.29
N VAL A 173 -7.22 -1.58 11.56
CA VAL A 173 -8.17 -0.66 12.20
C VAL A 173 -7.69 0.79 12.05
N ARG A 174 -6.40 1.02 12.29
CA ARG A 174 -5.86 2.38 12.35
C ARG A 174 -5.80 3.05 10.99
N TRP A 175 -6.05 2.30 9.90
CA TRP A 175 -6.11 2.87 8.57
C TRP A 175 -7.55 2.88 8.03
N SER A 176 -8.55 2.69 8.90
CA SER A 176 -9.89 2.46 8.36
C SER A 176 -10.87 3.57 8.74
N PRO A 177 -11.74 3.97 7.82
CA PRO A 177 -12.73 5.00 8.11
C PRO A 177 -13.86 4.44 8.96
N PRO A 178 -14.67 5.30 9.58
CA PRO A 178 -15.76 4.80 10.45
C PRO A 178 -16.72 3.86 9.74
N GLU A 179 -17.07 4.10 8.47
CA GLU A 179 -18.03 3.21 7.81
C GLU A 179 -17.42 1.82 7.57
N VAL A 180 -16.10 1.71 7.45
CA VAL A 180 -15.50 0.37 7.41
C VAL A 180 -15.62 -0.30 8.77
N LEU A 181 -15.23 0.42 9.83
CA LEU A 181 -15.25 -0.15 11.16
C LEU A 181 -16.66 -0.50 11.63
N MET A 182 -17.66 0.27 11.23
CA MET A 182 -19.01 0.07 11.74
C MET A 182 -19.82 -0.91 10.90
N TYR A 183 -19.63 -0.88 9.58
N TYR A 183 -19.70 -0.88 9.57
CA TYR A 183 -20.53 -1.55 8.64
CA TYR A 183 -20.50 -1.80 8.77
C TYR A 183 -19.80 -2.35 7.55
C TYR A 183 -19.80 -2.22 7.48
N SER A 184 -18.48 -2.32 7.50
CA SER A 184 -17.69 -2.92 6.42
C SER A 184 -18.03 -2.34 5.05
N LYS A 185 -18.20 -1.02 4.97
CA LYS A 185 -18.48 -0.38 3.69
C LYS A 185 -17.16 0.08 3.06
N PHE A 186 -16.63 -0.71 2.13
CA PHE A 186 -15.43 -0.33 1.39
C PHE A 186 -15.79 0.44 0.12
N SER A 187 -14.95 1.41 -0.23
CA SER A 187 -15.19 2.22 -1.42
C SER A 187 -13.91 2.98 -1.76
N SER A 188 -13.96 3.75 -2.84
CA SER A 188 -12.83 4.62 -3.15
C SER A 188 -12.53 5.54 -1.98
N LYS A 189 -13.55 5.92 -1.22
CA LYS A 189 -13.35 6.81 -0.09
C LYS A 189 -12.71 6.15 1.13
N SER A 190 -12.75 4.81 1.22
CA SER A 190 -11.95 4.19 2.27
C SER A 190 -10.46 4.13 1.87
N ASP A 191 -10.15 4.05 0.57
CA ASP A 191 -8.77 4.26 0.13
C ASP A 191 -8.32 5.69 0.42
N ILE A 192 -9.20 6.67 0.19
CA ILE A 192 -8.86 8.06 0.48
C ILE A 192 -8.50 8.23 1.95
N TRP A 193 -9.35 7.72 2.84
CA TRP A 193 -9.05 7.80 4.26
C TRP A 193 -7.67 7.23 4.57
N ALA A 194 -7.39 6.02 4.05
CA ALA A 194 -6.13 5.37 4.34
C ALA A 194 -4.95 6.19 3.80
N PHE A 195 -5.12 6.82 2.64
CA PHE A 195 -4.08 7.70 2.12
C PHE A 195 -3.80 8.85 3.08
N GLY A 196 -4.85 9.46 3.65
CA GLY A 196 -4.64 10.48 4.66
C GLY A 196 -3.80 9.97 5.82
N VAL A 197 -4.10 8.75 6.29
CA VAL A 197 -3.30 8.16 7.36
C VAL A 197 -1.87 7.95 6.88
N LEU A 198 -1.71 7.48 5.64
N LEU A 198 -1.71 7.52 5.62
CA LEU A 198 -0.36 7.33 5.10
CA LEU A 198 -0.37 7.33 5.07
C LEU A 198 0.40 8.66 5.10
C LEU A 198 0.40 8.64 5.03
N MET A 199 -0.28 9.75 4.70
CA MET A 199 0.40 11.04 4.73
C MET A 199 0.87 11.36 6.14
N TRP A 200 0.04 11.03 7.12
CA TRP A 200 0.40 11.22 8.51
C TRP A 200 1.61 10.37 8.91
N GLU A 201 1.63 9.09 8.51
CA GLU A 201 2.80 8.26 8.77
C GLU A 201 4.07 8.87 8.18
N ILE A 202 3.97 9.38 6.95
CA ILE A 202 5.16 9.92 6.28
C ILE A 202 5.68 11.13 7.07
N TYR A 203 4.79 12.07 7.40
CA TYR A 203 5.24 13.26 8.11
C TYR A 203 5.55 13.00 9.57
N SER A 204 5.14 11.85 10.09
CA SER A 204 5.52 11.37 11.41
C SER A 204 6.75 10.49 11.39
N LEU A 205 7.43 10.37 10.24
CA LEU A 205 8.62 9.51 10.12
C LEU A 205 8.35 8.09 10.60
N GLY A 206 7.16 7.57 10.27
CA GLY A 206 6.90 6.17 10.51
C GLY A 206 6.33 5.82 11.88
N LYS A 207 5.88 6.80 12.66
CA LYS A 207 5.22 6.47 13.91
C LYS A 207 3.95 5.68 13.63
N MET A 208 3.59 4.82 14.58
N MET A 208 3.55 4.85 14.59
CA MET A 208 2.28 4.17 14.52
CA MET A 208 2.29 4.14 14.47
C MET A 208 1.17 5.21 14.67
C MET A 208 1.13 5.11 14.72
N PRO A 209 0.15 5.19 13.82
CA PRO A 209 -1.01 6.06 14.07
C PRO A 209 -1.67 5.69 15.38
N TYR A 210 -2.08 6.71 16.13
CA TYR A 210 -2.74 6.51 17.43
C TYR A 210 -1.87 5.66 18.36
N GLU A 211 -0.57 5.98 18.41
CA GLU A 211 0.39 5.07 19.05
C GLU A 211 0.11 4.81 20.53
N ARG A 212 -0.64 5.67 21.21
CA ARG A 212 -0.91 5.39 22.62
C ARG A 212 -2.21 4.64 22.84
N PHE A 213 -2.95 4.32 21.77
CA PHE A 213 -4.24 3.64 21.83
C PHE A 213 -4.13 2.20 21.35
N THR A 214 -5.00 1.34 21.88
CA THR A 214 -5.24 0.04 21.26
C THR A 214 -6.11 0.20 20.02
N ASN A 215 -6.24 -0.88 19.25
CA ASN A 215 -7.18 -0.89 18.13
C ASN A 215 -8.59 -0.59 18.59
N SER A 216 -9.02 -1.24 19.68
N SER A 216 -9.02 -1.21 19.70
CA SER A 216 -10.36 -1.01 20.21
CA SER A 216 -10.37 -1.00 20.18
C SER A 216 -10.57 0.47 20.54
C SER A 216 -10.60 0.46 20.59
N GLU A 217 -9.62 1.07 21.24
CA GLU A 217 -9.73 2.47 21.62
C GLU A 217 -9.69 3.37 20.40
N THR A 218 -8.88 3.01 19.40
CA THR A 218 -8.82 3.78 18.16
C THR A 218 -10.18 3.79 17.47
N ALA A 219 -10.80 2.62 17.35
CA ALA A 219 -12.14 2.55 16.78
C ALA A 219 -13.11 3.48 17.49
N GLU A 220 -13.12 3.45 18.83
N GLU A 220 -13.13 3.45 18.82
CA GLU A 220 -14.03 4.32 19.57
CA GLU A 220 -14.03 4.32 19.57
C GLU A 220 -13.70 5.80 19.35
C GLU A 220 -13.71 5.79 19.32
N HIS A 221 -12.41 6.14 19.33
CA HIS A 221 -11.97 7.52 19.06
C HIS A 221 -12.51 8.01 17.73
N ILE A 222 -12.29 7.21 16.68
CA ILE A 222 -12.71 7.55 15.34
C ILE A 222 -14.23 7.61 15.25
N ALA A 223 -14.90 6.67 15.91
CA ALA A 223 -16.36 6.63 15.88
C ALA A 223 -16.96 7.87 16.50
N GLN A 224 -16.30 8.46 17.51
CA GLN A 224 -16.76 9.68 18.16
C GLN A 224 -16.31 10.94 17.43
N GLY A 225 -15.77 10.82 16.23
CA GLY A 225 -15.40 11.98 15.45
C GLY A 225 -14.04 12.56 15.75
N LEU A 226 -13.22 11.90 16.57
CA LEU A 226 -11.89 12.44 16.86
C LEU A 226 -10.89 11.88 15.86
N ARG A 227 -9.76 12.56 15.73
CA ARG A 227 -8.86 12.32 14.62
C ARG A 227 -7.41 12.33 15.11
N LEU A 228 -6.51 11.85 14.25
CA LEU A 228 -5.09 12.14 14.37
C LEU A 228 -4.87 13.65 14.34
N TYR A 229 -3.74 14.10 14.90
CA TYR A 229 -3.46 15.53 14.82
C TYR A 229 -2.10 15.77 14.16
N ARG A 230 -1.75 17.05 14.05
CA ARG A 230 -0.73 17.50 13.11
C ARG A 230 0.66 17.04 13.49
N PRO A 231 1.37 16.28 12.63
CA PRO A 231 2.77 15.96 12.90
C PRO A 231 3.64 17.21 12.92
N HIS A 232 4.71 17.17 13.72
CA HIS A 232 5.57 18.34 13.82
C HIS A 232 6.14 18.78 12.47
N LEU A 233 6.36 17.84 11.53
CA LEU A 233 6.97 18.22 10.26
C LEU A 233 5.96 18.67 9.20
N ALA A 234 4.66 18.59 9.48
CA ALA A 234 3.64 18.98 8.51
C ALA A 234 3.30 20.46 8.66
N SER A 235 3.44 21.21 7.56
CA SER A 235 2.95 22.57 7.54
C SER A 235 1.43 22.58 7.69
N GLU A 236 0.89 23.79 7.92
CA GLU A 236 -0.56 23.92 7.98
C GLU A 236 -1.22 23.47 6.69
N LYS A 237 -0.64 23.83 5.54
CA LYS A 237 -1.22 23.42 4.25
C LYS A 237 -1.19 21.91 4.08
N VAL A 238 -0.10 21.26 4.51
CA VAL A 238 -0.01 19.81 4.39
C VAL A 238 -1.03 19.13 5.30
N TYR A 239 -1.16 19.62 6.54
CA TYR A 239 -2.16 19.08 7.47
C TYR A 239 -3.56 19.22 6.91
N THR A 240 -3.88 20.34 6.26
CA THR A 240 -5.21 20.50 5.68
C THR A 240 -5.50 19.41 4.66
N ILE A 241 -4.50 19.02 3.88
CA ILE A 241 -4.70 17.98 2.89
C ILE A 241 -4.96 16.63 3.55
N MET A 242 -4.11 16.23 4.49
CA MET A 242 -4.32 14.91 5.09
C MET A 242 -5.63 14.88 5.89
N TYR A 243 -5.93 15.98 6.59
CA TYR A 243 -7.18 16.03 7.37
C TYR A 243 -8.42 15.95 6.49
N SER A 244 -8.36 16.48 5.26
CA SER A 244 -9.50 16.41 4.36
C SER A 244 -9.87 14.98 3.99
N CYS A 245 -8.94 14.04 4.14
CA CYS A 245 -9.25 12.62 3.89
C CYS A 245 -10.11 11.98 4.96
N TRP A 246 -10.35 12.68 6.08
CA TRP A 246 -10.96 12.06 7.26
C TRP A 246 -12.34 12.59 7.56
N HIS A 247 -13.00 13.24 6.59
CA HIS A 247 -14.37 13.68 6.80
C HIS A 247 -15.21 12.50 7.26
N GLU A 248 -16.06 12.72 8.27
CA GLU A 248 -16.93 11.63 8.71
C GLU A 248 -17.82 11.15 7.56
N LYS A 249 -18.34 12.08 6.76
CA LYS A 249 -19.13 11.72 5.59
C LYS A 249 -18.21 11.37 4.43
N ALA A 250 -18.29 10.12 3.95
CA ALA A 250 -17.37 9.65 2.92
C ALA A 250 -17.46 10.50 1.66
N ASP A 251 -18.67 10.96 1.30
CA ASP A 251 -18.85 11.71 0.06
C ASP A 251 -18.27 13.12 0.11
N GLU A 252 -17.91 13.62 1.29
N GLU A 252 -17.90 13.61 1.30
CA GLU A 252 -17.22 14.89 1.37
CA GLU A 252 -17.21 14.89 1.40
C GLU A 252 -15.72 14.74 1.17
C GLU A 252 -15.70 14.75 1.34
N ARG A 253 -15.18 13.52 1.22
CA ARG A 253 -13.74 13.37 1.05
C ARG A 253 -13.37 13.59 -0.42
N PRO A 254 -12.18 14.10 -0.69
CA PRO A 254 -11.78 14.36 -2.08
C PRO A 254 -11.53 13.06 -2.83
N THR A 255 -11.32 13.21 -4.14
CA THR A 255 -10.81 12.15 -5.00
C THR A 255 -9.28 12.22 -5.02
N PHE A 256 -8.65 11.19 -5.60
CA PHE A 256 -7.19 11.23 -5.70
C PHE A 256 -6.73 12.29 -6.70
N LYS A 257 -7.55 12.56 -7.71
CA LYS A 257 -7.27 13.67 -8.62
C LYS A 257 -7.24 15.01 -7.89
N ILE A 258 -8.22 15.24 -7.02
CA ILE A 258 -8.24 16.50 -6.27
C ILE A 258 -7.06 16.58 -5.30
N LEU A 259 -6.78 15.48 -4.60
CA LEU A 259 -5.61 15.46 -3.70
C LEU A 259 -4.32 15.75 -4.47
N LEU A 260 -4.16 15.15 -5.64
CA LEU A 260 -2.95 15.39 -6.42
C LEU A 260 -2.78 16.87 -6.73
N SER A 261 -3.86 17.52 -7.18
N SER A 261 -3.85 17.53 -7.20
N SER A 261 -3.85 17.53 -7.18
CA SER A 261 -3.80 18.95 -7.44
CA SER A 261 -3.79 18.96 -7.44
CA SER A 261 -3.79 18.96 -7.44
C SER A 261 -3.43 19.73 -6.18
C SER A 261 -3.40 19.71 -6.17
C SER A 261 -3.42 19.72 -6.17
N ASN A 262 -4.00 19.35 -5.03
CA ASN A 262 -3.69 20.03 -3.78
C ASN A 262 -2.21 19.85 -3.41
N ILE A 263 -1.68 18.64 -3.61
CA ILE A 263 -0.29 18.39 -3.28
C ILE A 263 0.64 19.18 -4.21
N LEU A 264 0.31 19.22 -5.49
CA LEU A 264 1.12 20.02 -6.41
C LEU A 264 1.10 21.49 -6.05
N ASP A 265 -0.07 22.01 -5.65
CA ASP A 265 -0.17 23.40 -5.22
C ASP A 265 0.76 23.69 -4.05
N VAL A 266 0.80 22.79 -3.07
CA VAL A 266 1.63 23.00 -1.90
C VAL A 266 3.10 22.90 -2.28
N MET A 267 3.44 21.96 -3.16
CA MET A 267 4.81 21.90 -3.64
C MET A 267 5.24 23.22 -4.26
N ASP A 268 4.36 23.82 -5.07
CA ASP A 268 4.70 25.11 -5.66
C ASP A 268 4.84 26.18 -4.60
N GLU A 269 3.94 26.20 -3.63
CA GLU A 269 3.94 27.27 -2.63
C GLU A 269 5.07 27.11 -1.64
N GLU A 270 5.53 25.88 -1.39
CA GLU A 270 6.61 25.66 -0.45
C GLU A 270 7.91 25.32 -1.20
C10 UB6 B . 10.62 -7.11 3.53
C20 UB6 B . 8.21 -6.44 -3.07
C21 UB6 B . 9.29 -6.12 -2.24
C22 UB6 B . 9.43 -6.40 -0.84
C24 UB6 B . 7.18 -7.42 -1.15
C28 UB6 B . 4.85 -6.60 -3.03
C01 UB6 B . 7.89 -2.65 6.03
C02 UB6 B . 7.45 -3.93 5.36
C03 UB6 B . 8.46 -5.08 5.46
O04 UB6 B . 9.20 -5.18 6.42
N05 UB6 B . 8.54 -6.00 4.44
C06 UB6 B . 9.42 -7.14 4.50
C07 UB6 B . 8.74 -8.42 4.03
C08 UB6 B . 9.87 -9.34 3.57
C09 UB6 B . 11.14 -8.52 3.66
N11 UB6 B . 10.26 -6.87 2.14
C12 UB6 B . 10.95 -6.19 1.16
O13 UB6 B . 12.04 -5.68 1.49
C14 UB6 B . 10.58 -6.01 -0.22
S15 UB6 B . 11.59 -5.21 -1.45
C16 UB6 B . 10.41 -5.46 -2.76
N17 UB6 B . 10.51 -5.10 -4.05
C18 UB6 B . 9.46 -5.40 -4.83
C19 UB6 B . 8.30 -6.06 -4.41
N23 UB6 B . 8.31 -7.08 -0.39
O25 UB6 B . 6.25 -8.00 -0.63
N26 UB6 B . 7.13 -7.12 -2.55
C27 UB6 B . 6.00 -7.42 -3.24
N29 UB6 B . 3.67 -6.72 -3.64
C30 UB6 B . 3.50 -7.70 -4.55
C31 UB6 B . 4.60 -8.53 -4.83
C32 UB6 B . 5.83 -8.41 -4.20
C33 UB6 B . 7.00 -9.31 -4.51
C34 UB6 B . 2.14 -7.80 -5.26
C35 UB6 B . 2.11 -7.28 -6.75
C36 UB6 B . 2.67 -5.85 -6.93
C37 UB6 B . 0.78 -7.35 -7.43
H101 UB6 B . 11.28 -6.54 3.87
H281 UB6 B . 4.82 -5.90 -2.42
H021 UB6 B . 6.61 -4.18 5.71
H022 UB6 B . 7.29 -3.72 4.45
H051 UB6 B . 8.01 -5.97 3.76
H061 UB6 B . 9.69 -7.29 5.38
H071 UB6 B . 8.21 -8.79 4.71
H072 UB6 B . 8.13 -8.18 3.35
H081 UB6 B . 9.93 -10.13 4.07
H082 UB6 B . 9.74 -9.62 2.69
H091 UB6 B . 11.78 -8.68 2.98
H092 UB6 B . 11.65 -8.68 4.43
H111 UB6 B . 9.51 -7.26 1.96
H181 UB6 B . 9.52 -5.15 -5.73
H191 UB6 B . 7.64 -6.21 -5.04
H231 UB6 B . 8.25 -7.30 0.45
H311 UB6 B . 4.48 -9.19 -5.46
H331 UB6 B . 6.80 -10.13 -4.99
H332 UB6 B . 7.47 -9.62 -3.72
H333 UB6 B . 7.69 -8.89 -5.04
H342 UB6 B . 1.81 -8.71 -5.25
H341 UB6 B . 1.47 -7.33 -4.76
H351 UB6 B . 2.68 -7.88 -7.25
H363 UB6 B . 2.77 -5.37 -6.09
H362 UB6 B . 2.11 -5.26 -7.47
H361 UB6 B . 3.54 -5.78 -7.34
H373 UB6 B . 0.02 -6.95 -6.97
H371 UB6 B . 0.47 -8.26 -7.63
H372 UB6 B . 0.75 -6.93 -8.30
C1 PGE C . 10.95 -6.22 -17.49
O1 PGE C . 11.81 -5.17 -17.65
C2 PGE C . 11.77 -7.57 -17.20
O2 PGE C . 10.89 -8.69 -16.96
C3 PGE C . 9.96 -8.99 -17.96
C4 PGE C . 9.15 -10.34 -17.67
O4 PGE C . 5.50 -8.77 -18.75
C6 PGE C . 6.12 -9.62 -19.62
C5 PGE C . 6.98 -10.71 -18.78
O3 PGE C . 7.76 -10.08 -17.76
H1 PGE C . 10.41 -6.33 -18.30
H12 PGE C . 10.33 -6.05 -16.76
HO1 PGE C . 11.50 -4.44 -17.34
H2 PGE C . 12.33 -7.42 -16.44
H22 PGE C . 12.34 -7.75 -17.97
H3 PGE C . 10.40 -9.10 -18.82
H32 PGE C . 9.31 -8.28 -18.03
H4 PGE C . 9.41 -11.01 -18.32
H42 PGE C . 9.38 -10.65 -16.79
HO4 PGE C . 5.37 -9.11 -17.98
H6 PGE C . 6.71 -9.13 -20.21
H62 PGE C . 5.47 -10.09 -20.16
H5 PGE C . 6.38 -11.36 -18.40
H52 PGE C . 7.57 -11.17 -19.41
#